data_6ZC8
#
_entry.id   6ZC8
#
_cell.length_a   89.345
_cell.length_b   89.345
_cell.length_c   131.659
_cell.angle_alpha   90.000
_cell.angle_beta   90.000
_cell.angle_gamma   120.000
#
_symmetry.space_group_name_H-M   'P 64 2 2'
#
loop_
_entity.id
_entity.type
_entity.pdbx_description
1 polymer 'Segment polarity protein dishevelled homolog DVL-3'
2 non-polymer '2-[[3-chloranyl-4-[(1~{H}-indazol-3-ylcarbonylamino)methyl]phenyl]sulfonylamino]-5-methyl-benzoic acid'
3 water water
#
_entity_poly.entity_id   1
_entity_poly.type   'polypeptide(L)'
_entity_poly.pdbx_seq_one_letter_code
;AMSLNIITVTLNMEKYNFLGISIVGQSNERGDGGIYIGSIMKGGAVAADGRIEPGDMLLQVNEINFENMSNDDAVRVLRE
IVHKPGPITLTVAKS
;
_entity_poly.pdbx_strand_id   A,B
#
# COMPACT_ATOMS: atom_id res chain seq x y z
N MET A 2 14.72 -4.05 -27.00
CA MET A 2 15.14 -3.55 -25.65
C MET A 2 14.37 -2.26 -25.34
N SER A 3 13.30 -2.37 -24.57
CA SER A 3 12.44 -1.23 -24.14
C SER A 3 11.71 -1.60 -22.85
N LEU A 4 11.18 -0.59 -22.15
CA LEU A 4 10.31 -0.78 -20.95
C LEU A 4 8.86 -0.51 -21.35
N ASN A 5 7.99 -1.51 -21.24
CA ASN A 5 6.55 -1.37 -21.57
C ASN A 5 5.75 -1.29 -20.28
N ILE A 6 5.17 -0.13 -19.98
CA ILE A 6 4.32 0.07 -18.78
C ILE A 6 2.87 0.27 -19.24
N ILE A 7 1.98 -0.62 -18.78
CA ILE A 7 0.55 -0.61 -19.16
C ILE A 7 -0.28 -0.42 -17.89
N THR A 8 -1.34 0.39 -18.00
CA THR A 8 -2.33 0.60 -16.92
C THR A 8 -3.58 -0.21 -17.27
N VAL A 9 -3.96 -1.18 -16.43
CA VAL A 9 -5.15 -2.02 -16.70
C VAL A 9 -6.15 -1.87 -15.56
N THR A 10 -7.36 -1.39 -15.88
CA THR A 10 -8.50 -1.29 -14.94
C THR A 10 -9.38 -2.54 -15.11
N LEU A 11 -9.60 -3.28 -14.02
CA LEU A 11 -10.25 -4.61 -14.07
C LEU A 11 -11.76 -4.46 -13.84
N ASN A 12 -12.53 -5.40 -14.41
CA ASN A 12 -14.01 -5.44 -14.31
C ASN A 12 -14.41 -6.10 -12.97
N MET A 13 -14.28 -5.35 -11.87
CA MET A 13 -14.46 -5.90 -10.50
C MET A 13 -15.95 -6.08 -10.18
N GLU A 14 -16.83 -5.43 -10.93
CA GLU A 14 -18.30 -5.64 -10.78
C GLU A 14 -18.63 -7.08 -11.19
N LYS A 15 -18.09 -7.55 -12.32
CA LYS A 15 -18.36 -8.90 -12.87
C LYS A 15 -17.56 -9.96 -12.08
N TYR A 16 -16.26 -9.72 -11.87
CA TYR A 16 -15.35 -10.68 -11.18
C TYR A 16 -15.01 -10.15 -9.79
N ASN A 17 -15.19 -10.97 -8.76
CA ASN A 17 -15.02 -10.52 -7.35
C ASN A 17 -13.58 -10.77 -6.90
N PHE A 18 -12.74 -11.37 -7.76
CA PHE A 18 -11.32 -11.65 -7.43
C PHE A 18 -10.42 -11.29 -8.61
N LEU A 19 -9.21 -10.82 -8.30
CA LEU A 19 -8.10 -10.56 -9.25
C LEU A 19 -7.69 -11.88 -9.91
N GLY A 20 -7.66 -12.96 -9.11
CA GLY A 20 -7.17 -14.28 -9.53
C GLY A 20 -5.69 -14.25 -9.89
N ILE A 21 -4.89 -13.60 -9.05
CA ILE A 21 -3.40 -13.52 -9.24
C ILE A 21 -2.71 -13.87 -7.92
N SER A 22 -1.45 -14.31 -8.02
CA SER A 22 -0.54 -14.53 -6.88
C SER A 22 0.74 -13.73 -7.12
N ILE A 23 1.25 -13.03 -6.11
CA ILE A 23 2.46 -12.18 -6.26
C ILE A 23 3.65 -12.85 -5.55
N VAL A 24 4.83 -12.75 -6.17
CA VAL A 24 6.10 -13.33 -5.66
C VAL A 24 7.15 -12.22 -5.63
N GLY A 25 8.21 -12.40 -4.83
CA GLY A 25 9.32 -11.45 -4.71
C GLY A 25 9.11 -10.46 -3.58
N GLN A 26 10.08 -9.58 -3.38
CA GLN A 26 10.12 -8.58 -2.27
C GLN A 26 10.87 -7.34 -2.78
N SER A 27 10.31 -6.14 -2.62
CA SER A 27 10.99 -4.86 -2.94
C SER A 27 11.58 -4.24 -1.67
N ASN A 28 11.45 -4.99 -0.57
CA ASN A 28 11.83 -4.62 0.82
C ASN A 28 13.35 -4.51 0.96
N GLU A 29 14.09 -5.49 0.41
CA GLU A 29 15.55 -5.67 0.66
C GLU A 29 16.34 -4.58 -0.04
N ARG A 30 17.58 -4.36 0.41
CA ARG A 30 18.52 -3.34 -0.13
C ARG A 30 18.89 -3.71 -1.57
N GLY A 31 18.99 -2.70 -2.45
CA GLY A 31 19.34 -2.88 -3.87
C GLY A 31 18.15 -2.63 -4.78
N GLY A 34 12.16 -6.51 -6.80
CA GLY A 34 10.80 -6.01 -7.08
C GLY A 34 9.74 -7.05 -6.79
N ILE A 35 8.47 -6.70 -7.02
CA ILE A 35 7.29 -7.60 -6.83
C ILE A 35 6.72 -7.95 -8.21
N TYR A 36 6.56 -9.24 -8.49
CA TYR A 36 6.13 -9.74 -9.82
C TYR A 36 4.86 -10.58 -9.69
N ILE A 37 4.14 -10.74 -10.80
CA ILE A 37 2.96 -11.65 -10.89
C ILE A 37 3.48 -13.08 -11.01
N GLY A 38 3.38 -13.86 -9.92
CA GLY A 38 3.80 -15.26 -9.90
C GLY A 38 2.97 -16.11 -10.84
N SER A 39 1.64 -15.98 -10.79
CA SER A 39 0.70 -16.78 -11.62
C SER A 39 -0.63 -16.05 -11.78
N ILE A 40 -1.37 -16.37 -12.83
CA ILE A 40 -2.73 -15.82 -13.10
C ILE A 40 -3.73 -16.97 -13.11
N MET A 41 -4.75 -16.88 -12.25
CA MET A 41 -5.78 -17.94 -12.06
C MET A 41 -6.95 -17.69 -13.01
N LYS A 42 -7.44 -18.74 -13.66
CA LYS A 42 -8.61 -18.68 -14.57
C LYS A 42 -9.86 -18.31 -13.76
N GLY A 43 -10.74 -17.48 -14.34
CA GLY A 43 -11.98 -17.00 -13.71
C GLY A 43 -11.76 -15.69 -12.98
N GLY A 44 -10.50 -15.24 -12.89
CA GLY A 44 -10.12 -13.97 -12.27
C GLY A 44 -10.25 -12.81 -13.24
N ALA A 45 -10.32 -11.58 -12.73
CA ALA A 45 -10.43 -10.34 -13.53
C ALA A 45 -9.19 -10.18 -14.41
N VAL A 46 -8.01 -10.47 -13.84
CA VAL A 46 -6.69 -10.30 -14.55
C VAL A 46 -6.64 -11.27 -15.73
N ALA A 47 -7.13 -12.50 -15.55
CA ALA A 47 -7.21 -13.52 -16.62
C ALA A 47 -8.16 -13.03 -17.73
N ALA A 48 -9.26 -12.38 -17.34
CA ALA A 48 -10.30 -11.89 -18.27
C ALA A 48 -9.72 -10.79 -19.17
N ASP A 49 -8.94 -9.86 -18.59
CA ASP A 49 -8.32 -8.73 -19.32
C ASP A 49 -7.31 -9.28 -20.34
N GLY A 50 -6.40 -10.15 -19.88
CA GLY A 50 -5.48 -10.92 -20.72
C GLY A 50 -4.19 -10.18 -21.05
N ARG A 51 -4.09 -8.89 -20.72
CA ARG A 51 -2.92 -8.04 -21.07
C ARG A 51 -1.75 -8.37 -20.13
N ILE A 52 -2.05 -8.63 -18.85
CA ILE A 52 -1.03 -8.96 -17.80
C ILE A 52 -0.63 -10.43 -17.95
N GLU A 53 0.66 -10.73 -17.75
CA GLU A 53 1.21 -12.11 -17.87
C GLU A 53 2.11 -12.40 -16.67
N PRO A 54 2.39 -13.69 -16.35
CA PRO A 54 3.29 -14.03 -15.26
C PRO A 54 4.71 -13.50 -15.52
N GLY A 55 5.36 -12.99 -14.47
CA GLY A 55 6.72 -12.42 -14.56
C GLY A 55 6.69 -10.91 -14.75
N ASP A 56 5.50 -10.36 -14.99
CA ASP A 56 5.29 -8.88 -15.09
C ASP A 56 5.47 -8.28 -13.69
N MET A 57 6.17 -7.15 -13.61
CA MET A 57 6.46 -6.46 -12.31
C MET A 57 5.29 -5.55 -11.95
N LEU A 58 4.77 -5.70 -10.73
CA LEU A 58 3.65 -4.88 -10.21
C LEU A 58 4.21 -3.60 -9.60
N LEU A 59 3.89 -2.45 -10.19
CA LEU A 59 4.42 -1.13 -9.74
C LEU A 59 3.42 -0.47 -8.78
N GLN A 60 2.14 -0.39 -9.17
CA GLN A 60 1.12 0.38 -8.42
C GLN A 60 -0.26 -0.27 -8.60
N VAL A 61 -1.05 -0.33 -7.52
CA VAL A 61 -2.49 -0.68 -7.56
C VAL A 61 -3.27 0.49 -6.96
N ASN A 62 -4.24 1.02 -7.69
CA ASN A 62 -5.04 2.19 -7.24
C ASN A 62 -4.06 3.30 -6.82
N GLU A 63 -4.10 3.73 -5.55
CA GLU A 63 -3.29 4.87 -5.05
C GLU A 63 -2.10 4.37 -4.23
N ILE A 64 -1.77 3.08 -4.32
CA ILE A 64 -0.66 2.46 -3.52
C ILE A 64 0.47 2.03 -4.45
N ASN A 65 1.72 2.36 -4.08
CA ASN A 65 2.96 1.98 -4.80
C ASN A 65 3.66 0.86 -4.02
N PHE A 66 4.16 -0.16 -4.73
CA PHE A 66 4.68 -1.41 -4.13
C PHE A 66 6.19 -1.32 -3.82
N GLU A 67 6.80 -0.17 -4.06
CA GLU A 67 8.25 0.07 -3.77
C GLU A 67 8.49 -0.06 -2.27
N ASN A 68 9.60 -0.70 -1.89
CA ASN A 68 10.08 -0.86 -0.49
C ASN A 68 9.05 -1.64 0.33
N MET A 69 8.41 -2.64 -0.29
CA MET A 69 7.37 -3.47 0.38
C MET A 69 7.83 -4.93 0.45
N SER A 70 7.59 -5.57 1.59
CA SER A 70 7.76 -7.04 1.78
C SER A 70 6.59 -7.76 1.12
N ASN A 71 6.75 -9.05 0.82
CA ASN A 71 5.69 -9.85 0.15
C ASN A 71 4.44 -9.87 1.02
N ASP A 72 4.58 -10.06 2.34
CA ASP A 72 3.45 -10.06 3.29
C ASP A 72 2.66 -8.76 3.15
N ASP A 73 3.36 -7.62 3.17
CA ASP A 73 2.77 -6.26 3.10
C ASP A 73 2.06 -6.08 1.76
N ALA A 74 2.71 -6.53 0.67
CA ALA A 74 2.18 -6.43 -0.70
C ALA A 74 0.87 -7.22 -0.82
N VAL A 75 0.84 -8.43 -0.26
CA VAL A 75 -0.37 -9.30 -0.27
C VAL A 75 -1.47 -8.61 0.55
N ARG A 76 -1.09 -7.98 1.67
CA ARG A 76 -2.03 -7.31 2.59
C ARG A 76 -2.70 -6.14 1.86
N VAL A 77 -1.95 -5.36 1.09
CA VAL A 77 -2.51 -4.20 0.31
C VAL A 77 -3.60 -4.74 -0.62
N LEU A 78 -3.29 -5.82 -1.35
CA LEU A 78 -4.20 -6.42 -2.36
C LEU A 78 -5.44 -6.99 -1.66
N ARG A 79 -5.28 -7.63 -0.50
CA ARG A 79 -6.42 -8.21 0.25
C ARG A 79 -7.43 -7.11 0.56
N GLU A 80 -6.95 -6.00 1.13
CA GLU A 80 -7.80 -4.87 1.59
C GLU A 80 -8.49 -4.23 0.38
N ILE A 81 -7.78 -4.08 -0.74
CA ILE A 81 -8.33 -3.43 -1.95
C ILE A 81 -9.46 -4.30 -2.53
N VAL A 82 -9.24 -5.62 -2.63
CA VAL A 82 -10.24 -6.57 -3.19
C VAL A 82 -11.43 -6.69 -2.24
N HIS A 83 -11.17 -6.70 -0.92
CA HIS A 83 -12.21 -6.81 0.13
C HIS A 83 -13.21 -5.66 0.00
N LYS A 84 -12.73 -4.43 -0.21
CA LYS A 84 -13.59 -3.22 -0.28
C LYS A 84 -14.19 -3.13 -1.68
N PRO A 85 -15.46 -2.69 -1.81
CA PRO A 85 -16.09 -2.50 -3.12
C PRO A 85 -15.44 -1.32 -3.86
N GLY A 86 -15.40 -1.38 -5.19
CA GLY A 86 -14.86 -0.30 -6.02
C GLY A 86 -14.05 -0.84 -7.20
N PRO A 87 -13.55 0.04 -8.09
CA PRO A 87 -12.74 -0.39 -9.22
C PRO A 87 -11.29 -0.66 -8.79
N ILE A 88 -10.56 -1.47 -9.56
CA ILE A 88 -9.13 -1.78 -9.30
C ILE A 88 -8.33 -1.51 -10.58
N THR A 89 -7.26 -0.72 -10.47
CA THR A 89 -6.35 -0.37 -11.59
C THR A 89 -4.93 -0.79 -11.23
N LEU A 90 -4.29 -1.58 -12.09
CA LEU A 90 -2.89 -2.06 -11.89
C LEU A 90 -1.97 -1.33 -12.89
N THR A 91 -0.82 -0.87 -12.42
CA THR A 91 0.29 -0.41 -13.30
C THR A 91 1.39 -1.46 -13.26
N VAL A 92 1.68 -2.11 -14.40
CA VAL A 92 2.69 -3.20 -14.46
C VAL A 92 3.71 -2.89 -15.54
N ALA A 93 4.96 -3.32 -15.30
CA ALA A 93 6.07 -3.27 -16.27
C ALA A 93 6.21 -4.64 -16.94
N LYS A 94 5.93 -4.72 -18.24
CA LYS A 94 6.00 -6.00 -19.00
C LYS A 94 7.44 -6.51 -18.95
N SER A 95 7.61 -7.82 -18.72
CA SER A 95 8.94 -8.48 -18.69
C SER A 95 9.55 -8.48 -20.10
N ASN B 5 16.55 0.95 7.40
CA ASN B 5 16.52 2.39 7.75
C ASN B 5 15.10 2.92 7.52
N ILE B 6 14.66 2.95 6.26
CA ILE B 6 13.29 3.39 5.86
C ILE B 6 12.46 2.14 5.54
N ILE B 7 11.32 1.99 6.20
CA ILE B 7 10.45 0.79 6.08
C ILE B 7 9.04 1.26 5.69
N THR B 8 8.42 0.56 4.74
CA THR B 8 7.02 0.79 4.33
C THR B 8 6.15 -0.36 4.85
N VAL B 9 5.14 -0.06 5.66
CA VAL B 9 4.29 -1.09 6.32
C VAL B 9 2.83 -0.87 5.90
N THR B 10 2.08 -1.96 5.72
CA THR B 10 0.63 -1.94 5.43
C THR B 10 -0.14 -2.22 6.71
N LEU B 11 -1.00 -1.29 7.13
CA LEU B 11 -1.80 -1.44 8.37
C LEU B 11 -3.07 -2.23 8.07
N ASN B 12 -3.58 -2.94 9.08
CA ASN B 12 -4.82 -3.76 9.00
C ASN B 12 -6.02 -2.83 9.22
N MET B 13 -6.36 -2.02 8.21
CA MET B 13 -7.43 -0.99 8.31
C MET B 13 -8.82 -1.65 8.30
N GLU B 14 -8.92 -2.88 7.77
CA GLU B 14 -10.18 -3.65 7.84
C GLU B 14 -10.56 -3.87 9.30
N LYS B 15 -9.58 -4.35 10.09
CA LYS B 15 -9.77 -4.72 11.51
C LYS B 15 -9.90 -3.47 12.38
N TYR B 16 -9.03 -2.47 12.17
CA TYR B 16 -8.97 -1.24 13.01
C TYR B 16 -9.46 -0.03 12.21
N ASN B 17 -10.40 0.71 12.78
CA ASN B 17 -10.99 1.92 12.13
C ASN B 17 -10.16 3.16 12.48
N PHE B 18 -9.19 3.04 13.39
CA PHE B 18 -8.34 4.18 13.84
C PHE B 18 -6.86 3.79 13.78
N LEU B 19 -6.03 4.71 13.28
CA LEU B 19 -4.55 4.63 13.30
C LEU B 19 -4.06 4.63 14.76
N GLY B 20 -4.67 5.50 15.57
CA GLY B 20 -4.30 5.69 17.00
C GLY B 20 -2.89 6.23 17.17
N ILE B 21 -2.51 7.21 16.36
CA ILE B 21 -1.18 7.90 16.49
C ILE B 21 -1.41 9.39 16.68
N SER B 22 -0.47 10.06 17.36
CA SER B 22 -0.41 11.54 17.50
C SER B 22 0.90 12.03 16.89
N ILE B 23 0.83 12.96 15.94
CA ILE B 23 2.02 13.47 15.19
C ILE B 23 2.44 14.83 15.78
N VAL B 24 3.75 15.06 15.89
CA VAL B 24 4.31 16.29 16.54
C VAL B 24 5.47 16.84 15.70
N GLY B 25 5.82 18.11 15.96
CA GLY B 25 7.08 18.77 15.57
C GLY B 25 7.30 18.81 14.07
N GLN B 26 6.38 19.45 13.32
CA GLN B 26 6.53 19.75 11.87
C GLN B 26 7.97 20.21 11.59
N GLY B 34 11.26 17.23 9.69
CA GLY B 34 10.06 16.51 9.25
C GLY B 34 9.12 16.21 10.41
N ILE B 35 8.01 15.53 10.13
CA ILE B 35 6.96 15.16 11.13
C ILE B 35 7.35 13.84 11.80
N TYR B 36 7.14 13.74 13.12
CA TYR B 36 7.47 12.55 13.94
C TYR B 36 6.20 12.00 14.57
N ILE B 37 6.22 10.73 14.98
CA ILE B 37 5.14 10.08 15.78
C ILE B 37 5.33 10.48 17.24
N GLY B 38 4.48 11.37 17.76
CA GLY B 38 4.55 11.83 19.16
C GLY B 38 4.31 10.68 20.12
N SER B 39 3.27 9.89 19.87
CA SER B 39 2.89 8.73 20.72
C SER B 39 1.99 7.78 19.92
N ILE B 40 1.88 6.53 20.38
CA ILE B 40 1.02 5.49 19.75
C ILE B 40 0.00 5.01 20.79
N MET B 41 -1.28 5.00 20.41
CA MET B 41 -2.41 4.74 21.35
C MET B 41 -2.93 3.32 21.12
N LYS B 42 -3.14 2.58 22.21
CA LYS B 42 -3.63 1.16 22.19
C LYS B 42 -4.98 1.11 21.48
N GLY B 43 -5.23 0.03 20.73
CA GLY B 43 -6.51 -0.20 20.02
C GLY B 43 -6.46 0.35 18.61
N GLY B 44 -5.32 0.90 18.20
CA GLY B 44 -5.10 1.46 16.85
C GLY B 44 -4.33 0.48 15.96
N ALA B 45 -4.39 0.70 14.64
CA ALA B 45 -3.75 -0.16 13.62
C ALA B 45 -2.24 -0.17 13.80
N VAL B 46 -1.64 0.99 14.09
CA VAL B 46 -0.15 1.16 14.22
C VAL B 46 0.34 0.33 15.40
N ALA B 47 -0.39 0.33 16.51
CA ALA B 47 -0.07 -0.45 17.73
C ALA B 47 -0.07 -1.93 17.39
N ALA B 48 -1.05 -2.37 16.60
CA ALA B 48 -1.24 -3.78 16.18
C ALA B 48 -0.04 -4.22 15.34
N ASP B 49 0.42 -3.37 14.42
CA ASP B 49 1.56 -3.68 13.51
C ASP B 49 2.83 -3.87 14.35
N GLY B 50 3.15 -2.90 15.22
CA GLY B 50 4.23 -3.00 16.22
C GLY B 50 5.61 -2.73 15.65
N ARG B 51 5.72 -2.43 14.35
CA ARG B 51 7.03 -2.17 13.69
C ARG B 51 7.37 -0.68 13.78
N ILE B 52 6.39 0.15 14.14
CA ILE B 52 6.56 1.63 14.21
C ILE B 52 6.54 2.04 15.68
N GLU B 53 7.50 2.88 16.08
CA GLU B 53 7.69 3.31 17.49
C GLU B 53 7.70 4.84 17.53
N PRO B 54 7.43 5.44 18.72
CA PRO B 54 7.48 6.89 18.86
C PRO B 54 8.91 7.41 18.61
N GLY B 55 9.01 8.58 17.97
CA GLY B 55 10.31 9.17 17.58
C GLY B 55 10.68 8.81 16.15
N ASP B 56 9.91 7.90 15.53
CA ASP B 56 10.05 7.57 14.10
C ASP B 56 9.56 8.77 13.28
N MET B 57 10.26 9.13 12.21
CA MET B 57 9.91 10.29 11.36
C MET B 57 9.01 9.80 10.21
N LEU B 58 7.79 10.34 10.12
CA LEU B 58 6.79 9.98 9.10
C LEU B 58 7.13 10.68 7.77
N LEU B 59 7.47 9.89 6.74
CA LEU B 59 7.86 10.41 5.41
C LEU B 59 6.66 10.40 4.48
N GLN B 60 5.89 9.30 4.48
CA GLN B 60 4.73 9.13 3.57
C GLN B 60 3.58 8.44 4.29
N VAL B 61 2.36 8.89 4.01
CA VAL B 61 1.09 8.13 4.25
C VAL B 61 0.51 7.80 2.88
N ASN B 62 0.45 6.52 2.52
CA ASN B 62 0.19 6.06 1.13
C ASN B 62 1.28 6.68 0.24
N GLU B 63 0.91 7.39 -0.83
CA GLU B 63 1.91 8.02 -1.75
C GLU B 63 1.91 9.53 -1.54
N ILE B 64 1.30 10.01 -0.45
CA ILE B 64 1.30 11.44 -0.05
C ILE B 64 2.59 11.74 0.72
N ASN B 65 3.24 12.87 0.40
CA ASN B 65 4.58 13.23 0.93
C ASN B 65 4.41 14.05 2.21
N PHE B 66 4.80 13.49 3.35
CA PHE B 66 4.72 14.11 4.69
C PHE B 66 6.10 14.67 5.09
N GLU B 67 7.09 14.50 4.22
CA GLU B 67 8.50 14.88 4.49
C GLU B 67 8.61 16.40 4.64
N ASN B 68 7.92 17.17 3.78
CA ASN B 68 7.99 18.65 3.79
C ASN B 68 6.63 19.24 4.16
N MET B 69 5.71 18.42 4.69
CA MET B 69 4.36 18.88 5.10
C MET B 69 4.43 19.52 6.49
N SER B 70 3.52 20.46 6.77
CA SER B 70 3.34 21.09 8.10
C SER B 70 2.47 20.17 8.97
N ASN B 71 2.57 20.30 10.29
CA ASN B 71 1.85 19.42 11.25
C ASN B 71 0.34 19.64 11.11
N ASP B 72 -0.08 20.90 10.97
CA ASP B 72 -1.53 21.24 10.81
C ASP B 72 -2.05 20.58 9.54
N ASP B 73 -1.27 20.65 8.46
CA ASP B 73 -1.63 20.07 7.13
C ASP B 73 -1.71 18.55 7.24
N ALA B 74 -0.75 17.93 7.94
CA ALA B 74 -0.63 16.46 8.09
C ALA B 74 -1.87 15.92 8.81
N VAL B 75 -2.30 16.58 9.88
CA VAL B 75 -3.47 16.16 10.70
C VAL B 75 -4.72 16.20 9.83
N ARG B 76 -4.85 17.24 9.00
CA ARG B 76 -5.97 17.43 8.04
C ARG B 76 -5.96 16.28 7.03
N VAL B 77 -4.78 15.96 6.48
CA VAL B 77 -4.61 14.90 5.43
C VAL B 77 -4.98 13.55 6.05
N LEU B 78 -4.53 13.29 7.27
CA LEU B 78 -4.74 11.99 7.97
C LEU B 78 -6.24 11.78 8.19
N ARG B 79 -6.97 12.84 8.56
CA ARG B 79 -8.43 12.78 8.80
C ARG B 79 -9.12 12.29 7.51
N GLU B 80 -8.74 12.87 6.36
CA GLU B 80 -9.32 12.50 5.04
C GLU B 80 -9.02 11.03 4.74
N ILE B 81 -7.78 10.60 4.98
CA ILE B 81 -7.29 9.23 4.60
C ILE B 81 -7.98 8.17 5.48
N VAL B 82 -8.04 8.39 6.80
CA VAL B 82 -8.64 7.39 7.73
C VAL B 82 -10.15 7.31 7.46
N HIS B 83 -10.79 8.44 7.15
CA HIS B 83 -12.25 8.51 6.86
C HIS B 83 -12.54 7.76 5.56
N LYS B 84 -11.70 7.95 4.54
CA LYS B 84 -11.85 7.28 3.22
C LYS B 84 -11.66 5.78 3.40
N PRO B 85 -12.46 4.93 2.71
CA PRO B 85 -12.28 3.49 2.76
C PRO B 85 -11.12 3.09 1.84
N GLY B 86 -10.23 2.23 2.33
CA GLY B 86 -9.10 1.73 1.53
C GLY B 86 -7.90 1.38 2.40
N PRO B 87 -6.82 0.82 1.83
CA PRO B 87 -5.63 0.46 2.59
C PRO B 87 -4.87 1.72 3.01
N ILE B 88 -4.16 1.65 4.14
CA ILE B 88 -3.24 2.75 4.57
C ILE B 88 -1.83 2.18 4.69
N THR B 89 -0.88 2.84 4.03
CA THR B 89 0.56 2.49 4.03
C THR B 89 1.33 3.59 4.74
N LEU B 90 2.17 3.24 5.72
CA LEU B 90 3.01 4.23 6.44
C LEU B 90 4.47 3.99 6.09
N THR B 91 5.16 5.02 5.60
CA THR B 91 6.62 5.00 5.36
C THR B 91 7.30 5.89 6.39
N VAL B 92 8.14 5.30 7.24
CA VAL B 92 8.82 6.03 8.36
C VAL B 92 10.32 5.76 8.29
N ALA B 93 11.11 6.64 8.91
CA ALA B 93 12.55 6.48 9.13
C ALA B 93 12.78 6.03 10.58
N LYS B 94 13.39 4.85 10.77
CA LYS B 94 13.65 4.29 12.12
C LYS B 94 14.68 5.16 12.83
N SER B 95 14.42 5.52 14.09
CA SER B 95 15.33 6.34 14.93
C SER B 95 16.64 5.58 15.17
#